data_6DCO
#
_entry.id   6DCO
#
_cell.length_a   109.386
_cell.length_b   109.386
_cell.length_c   96.963
_cell.angle_alpha   90.00
_cell.angle_beta   90.00
_cell.angle_gamma   90.00
#
_symmetry.space_group_name_H-M   'P 4 21 2'
#
loop_
_entity.id
_entity.type
_entity.pdbx_description
1 polymer 'Bcl-2-like protein 1,Bcl-2-like protein 1'
2 polymer Beclin-1
3 non-polymer 'CHLORIDE ION'
4 water water
#
loop_
_entity_poly.entity_id
_entity_poly.type
_entity_poly.pdbx_seq_one_letter_code
_entity_poly.pdbx_strand_id
1 'polypeptide(L)'
;PLGSMSQSNRELVVDFLSYKLSQKGYSWSQMAAVKQALREAGDEFELRYRRAFSDLTSQLHITPGTAYQSFEQVVNELFR
DGVNWGRIVAFFSFGGALCVESVDKEMQVLVSRIAAWMATYLNDHLEPWIQENGGWDTFVELYGNNAAAESRKGQE
;
A,B
2 'polypeptide(L)' DGGDMENLSRRLKVTGDLFDIMSGQT C,D
#
loop_
_chem_comp.id
_chem_comp.type
_chem_comp.name
_chem_comp.formula
CL non-polymer 'CHLORIDE ION' 'Cl -1'
#
# COMPACT_ATOMS: atom_id res chain seq x y z
N PRO A 1 14.76 -3.27 9.67
CA PRO A 1 13.84 -3.96 8.76
C PRO A 1 13.08 -2.97 7.91
N LEU A 2 12.59 -3.41 6.75
CA LEU A 2 11.83 -2.52 5.88
C LEU A 2 10.65 -1.91 6.64
N GLY A 3 10.59 -0.59 6.66
CA GLY A 3 9.61 0.13 7.46
C GLY A 3 9.93 0.20 8.94
N SER A 4 11.19 0.50 9.29
CA SER A 4 11.65 0.45 10.68
C SER A 4 10.77 1.28 11.61
N MET A 5 10.56 2.55 11.29
CA MET A 5 9.88 3.41 12.26
C MET A 5 8.54 3.94 11.78
N SER A 6 7.68 3.07 11.28
CA SER A 6 6.33 3.52 10.95
C SER A 6 5.32 2.83 11.86
N GLN A 7 5.50 3.01 13.17
CA GLN A 7 4.81 2.26 14.21
C GLN A 7 3.72 3.05 14.92
N SER A 8 3.56 4.33 14.59
CA SER A 8 2.62 5.16 15.34
C SER A 8 1.19 4.81 14.95
N ASN A 9 0.25 5.14 15.84
CA ASN A 9 -1.17 5.10 15.48
C ASN A 9 -1.46 6.04 14.33
N ARG A 10 -0.76 7.18 14.27
CA ARG A 10 -0.96 8.13 13.19
C ARG A 10 -0.69 7.48 11.84
N GLU A 11 0.37 6.66 11.77
CA GLU A 11 0.72 6.01 10.50
C GLU A 11 -0.25 4.87 10.17
N LEU A 12 -0.71 4.14 11.17
CA LEU A 12 -1.79 3.19 10.94
C LEU A 12 -2.98 3.87 10.23
N VAL A 13 -3.40 5.03 10.74
CA VAL A 13 -4.46 5.79 10.10
C VAL A 13 -4.07 6.15 8.67
N VAL A 14 -2.86 6.71 8.49
CA VAL A 14 -2.44 7.15 7.17
C VAL A 14 -2.39 5.94 6.23
N ASP A 15 -1.95 4.81 6.74
CA ASP A 15 -1.83 3.62 5.90
C ASP A 15 -3.20 3.13 5.45
N PHE A 16 -4.17 3.12 6.34
CA PHE A 16 -5.50 2.65 5.96
C PHE A 16 -6.15 3.60 4.96
N LEU A 17 -6.11 4.90 5.23
CA LEU A 17 -6.68 5.85 4.28
C LEU A 17 -6.02 5.74 2.92
N SER A 18 -4.69 5.61 2.88
CA SER A 18 -3.99 5.47 1.60
C SER A 18 -4.44 4.23 0.87
N TYR A 19 -4.64 3.13 1.59
CA TYR A 19 -5.10 1.91 0.94
C TYR A 19 -6.50 2.09 0.35
N LYS A 20 -7.41 2.74 1.09
CA LYS A 20 -8.77 2.96 0.59
C LYS A 20 -8.78 3.88 -0.63
N LEU A 21 -8.02 4.98 -0.57
CA LEU A 21 -8.01 5.90 -1.70
C LEU A 21 -7.46 5.26 -2.97
N SER A 22 -6.33 4.57 -2.86
CA SER A 22 -5.75 3.97 -4.07
C SER A 22 -6.56 2.77 -4.53
N GLN A 23 -7.29 2.12 -3.62
CA GLN A 23 -8.17 1.02 -4.00
C GLN A 23 -9.31 1.50 -4.89
N LYS A 24 -9.79 2.71 -4.66
CA LYS A 24 -10.83 3.32 -5.48
C LYS A 24 -10.25 4.19 -6.58
N GLY A 25 -8.93 4.26 -6.71
CA GLY A 25 -8.30 4.89 -7.85
C GLY A 25 -7.89 6.34 -7.69
N TYR A 26 -7.82 6.86 -6.46
CA TYR A 26 -7.52 8.27 -6.24
C TYR A 26 -6.13 8.45 -5.64
N SER A 27 -5.42 9.47 -6.10
CA SER A 27 -4.08 9.80 -5.63
C SER A 27 -4.07 11.16 -4.95
N TRP A 28 -3.44 11.22 -3.77
CA TRP A 28 -3.43 12.42 -2.95
C TRP A 28 -2.22 13.30 -3.22
N SER A 29 -1.31 12.89 -4.09
CA SER A 29 -0.09 13.62 -4.37
C SER A 29 0.51 13.07 -5.65
N GLN A 30 1.45 13.82 -6.23
CA GLN A 30 2.15 13.32 -7.40
C GLN A 30 2.85 12.00 -7.07
N MET A 31 3.54 11.97 -5.92
CA MET A 31 4.22 10.77 -5.47
C MET A 31 3.25 9.58 -5.38
N ALA A 32 2.05 9.81 -4.82
CA ALA A 32 1.07 8.73 -4.71
C ALA A 32 0.69 8.19 -6.08
N ALA A 33 0.59 9.07 -7.07
CA ALA A 33 0.22 8.64 -8.43
C ALA A 33 1.31 7.77 -9.04
N VAL A 34 2.59 8.09 -8.77
CA VAL A 34 3.69 7.27 -9.25
C VAL A 34 3.67 5.90 -8.58
N LYS A 35 3.55 5.88 -7.24
CA LYS A 35 3.51 4.62 -6.51
C LYS A 35 2.40 3.70 -7.01
N GLN A 36 1.18 4.24 -7.19
CA GLN A 36 0.08 3.42 -7.68
C GLN A 36 0.35 2.91 -9.09
N ALA A 37 0.82 3.80 -9.97
CA ALA A 37 1.15 3.39 -11.34
C ALA A 37 2.22 2.31 -11.35
N LEU A 38 3.18 2.41 -10.44
CA LEU A 38 4.28 1.43 -10.43
C LEU A 38 3.81 0.10 -9.86
N ARG A 39 3.00 0.11 -8.80
CA ARG A 39 2.48 -1.15 -8.26
C ARG A 39 1.66 -1.89 -9.31
N GLU A 40 0.80 -1.17 -10.03
CA GLU A 40 -0.06 -1.83 -11.00
C GLU A 40 0.73 -2.31 -12.21
N ALA A 41 1.71 -1.53 -12.66
CA ALA A 41 2.59 -2.02 -13.72
C ALA A 41 3.30 -3.31 -13.29
N GLY A 42 3.78 -3.35 -12.04
CA GLY A 42 4.41 -4.56 -11.54
C GLY A 42 3.47 -5.74 -11.56
N ASP A 43 2.26 -5.57 -11.02
CA ASP A 43 1.25 -6.62 -11.08
C ASP A 43 1.02 -7.08 -12.52
N GLU A 44 0.86 -6.13 -13.44
CA GLU A 44 0.60 -6.51 -14.83
C GLU A 44 1.81 -7.20 -15.46
N PHE A 45 3.00 -6.63 -15.26
CA PHE A 45 4.22 -7.24 -15.78
C PHE A 45 4.38 -8.68 -15.32
N GLU A 46 4.21 -8.93 -14.01
CA GLU A 46 4.45 -10.28 -13.47
C GLU A 46 3.43 -11.28 -13.98
N LEU A 47 2.19 -10.84 -14.19
CA LEU A 47 1.17 -11.71 -14.78
C LEU A 47 1.56 -12.11 -16.19
N ARG A 48 2.01 -11.15 -17.01
CA ARG A 48 2.45 -11.50 -18.36
C ARG A 48 3.69 -12.38 -18.31
N TYR A 49 4.57 -12.15 -17.34
CA TYR A 49 5.78 -12.96 -17.23
C TYR A 49 5.43 -14.40 -16.86
N ARG A 50 4.50 -14.58 -15.90
CA ARG A 50 4.17 -15.93 -15.45
C ARG A 50 3.45 -16.72 -16.53
N ARG A 51 2.79 -16.05 -17.47
CA ARG A 51 2.11 -16.82 -18.49
C ARG A 51 3.08 -17.28 -19.57
N ALA A 52 3.98 -16.40 -19.99
CA ALA A 52 4.96 -16.80 -21.00
C ALA A 52 5.99 -17.75 -20.41
N PHE A 53 6.27 -17.65 -19.12
CA PHE A 53 7.39 -18.36 -18.52
C PHE A 53 6.98 -19.00 -17.20
N SER A 54 7.94 -19.43 -16.42
CA SER A 54 7.65 -19.93 -15.09
C SER A 54 7.40 -18.74 -14.15
N ASP A 55 7.14 -19.06 -12.88
CA ASP A 55 7.15 -18.04 -11.85
C ASP A 55 8.42 -17.21 -11.97
N LEU A 56 8.27 -15.89 -11.89
CA LEU A 56 9.44 -15.06 -11.76
C LEU A 56 10.24 -15.49 -10.53
N THR A 57 9.54 -16.01 -9.52
CA THR A 57 10.09 -16.52 -8.26
C THR A 57 10.59 -17.97 -8.35
N SER A 58 10.28 -18.73 -9.41
CA SER A 58 10.93 -20.01 -9.66
C SER A 58 12.41 -19.78 -9.98
N GLN A 59 13.13 -19.17 -9.05
CA GLN A 59 14.32 -18.40 -9.35
C GLN A 59 15.59 -19.23 -9.34
N LEU A 60 16.65 -18.58 -9.79
CA LEU A 60 18.03 -18.94 -9.50
C LEU A 60 18.23 -19.05 -8.00
N HIS A 61 19.32 -19.69 -7.61
CA HIS A 61 19.60 -19.91 -6.20
C HIS A 61 20.09 -18.61 -5.57
N ILE A 62 19.34 -18.10 -4.62
CA ILE A 62 19.79 -16.96 -3.80
C ILE A 62 20.51 -17.49 -2.57
N THR A 63 21.67 -16.91 -2.28
CA THR A 63 22.30 -17.00 -0.97
C THR A 63 22.76 -15.60 -0.58
N PRO A 64 23.03 -15.37 0.70
CA PRO A 64 23.57 -14.04 1.09
C PRO A 64 24.89 -13.75 0.41
N GLY A 65 25.71 -14.76 0.17
CA GLY A 65 27.02 -14.49 -0.41
C GLY A 65 27.02 -14.28 -1.90
N THR A 66 25.95 -14.65 -2.60
CA THR A 66 25.91 -14.53 -4.04
C THR A 66 24.78 -13.65 -4.55
N ALA A 67 23.93 -13.13 -3.66
CA ALA A 67 22.77 -12.37 -4.09
C ALA A 67 23.16 -11.12 -4.89
N TYR A 68 24.22 -10.41 -4.46
CA TYR A 68 24.55 -9.17 -5.16
C TYR A 68 25.05 -9.45 -6.57
N GLN A 69 25.88 -10.48 -6.75
CA GLN A 69 26.40 -10.79 -8.08
C GLN A 69 25.28 -11.22 -9.01
N SER A 70 24.32 -12.01 -8.53
CA SER A 70 23.13 -12.33 -9.31
C SER A 70 22.38 -11.06 -9.71
N PHE A 71 22.13 -10.19 -8.73
CA PHE A 71 21.43 -8.93 -8.99
C PHE A 71 22.19 -8.09 -10.02
N GLU A 72 23.47 -7.85 -9.77
CA GLU A 72 24.28 -7.03 -10.66
C GLU A 72 24.32 -7.62 -12.06
N GLN A 73 24.46 -8.94 -12.14
CA GLN A 73 24.51 -9.58 -13.44
C GLN A 73 23.21 -9.38 -14.20
N VAL A 74 22.08 -9.58 -13.52
CA VAL A 74 20.79 -9.48 -14.22
C VAL A 74 20.52 -8.04 -14.62
N VAL A 75 20.79 -7.10 -13.72
CA VAL A 75 20.42 -5.71 -13.98
C VAL A 75 21.29 -5.11 -15.08
N ASN A 76 22.60 -5.34 -15.03
CA ASN A 76 23.49 -4.80 -16.07
C ASN A 76 23.10 -5.29 -17.45
N GLU A 77 22.69 -6.56 -17.57
CA GLU A 77 22.28 -7.06 -18.87
C GLU A 77 20.91 -6.50 -19.27
N LEU A 78 20.03 -6.26 -18.29
CA LEU A 78 18.72 -5.72 -18.60
C LEU A 78 18.81 -4.37 -19.29
N PHE A 79 19.78 -3.54 -18.88
CA PHE A 79 19.91 -2.18 -19.40
C PHE A 79 21.15 -1.99 -20.28
N ARG A 80 21.86 -3.07 -20.61
CA ARG A 80 23.07 -2.96 -21.41
C ARG A 80 22.82 -2.20 -22.72
N ASP A 81 21.79 -2.58 -23.46
CA ASP A 81 21.50 -1.98 -24.76
C ASP A 81 20.42 -0.92 -24.67
N GLY A 82 20.14 -0.39 -23.51
CA GLY A 82 19.31 0.80 -23.36
C GLY A 82 18.27 0.68 -22.27
N VAL A 83 17.60 1.80 -22.03
CA VAL A 83 16.61 1.95 -20.98
C VAL A 83 15.27 2.30 -21.61
N ASN A 84 14.20 1.71 -21.08
CA ASN A 84 12.86 2.22 -21.34
C ASN A 84 12.03 1.92 -20.10
N TRP A 85 10.80 2.45 -20.07
CA TRP A 85 9.96 2.30 -18.88
C TRP A 85 9.58 0.83 -18.63
N GLY A 86 9.38 0.07 -19.70
CA GLY A 86 9.06 -1.34 -19.52
C GLY A 86 10.17 -2.10 -18.81
N ARG A 87 11.42 -1.80 -19.15
CA ARG A 87 12.54 -2.45 -18.49
C ARG A 87 12.71 -1.96 -17.07
N ILE A 88 12.38 -0.69 -16.81
CA ILE A 88 12.42 -0.19 -15.42
C ILE A 88 11.38 -0.91 -14.58
N VAL A 89 10.17 -1.13 -15.14
CA VAL A 89 9.18 -1.94 -14.46
C VAL A 89 9.73 -3.35 -14.20
N ALA A 90 10.41 -3.92 -15.21
CA ALA A 90 10.96 -5.27 -15.07
C ALA A 90 11.99 -5.31 -13.96
N PHE A 91 12.75 -4.22 -13.83
CA PHE A 91 13.75 -4.08 -12.79
C PHE A 91 13.10 -4.06 -11.41
N PHE A 92 12.00 -3.30 -11.25
CA PHE A 92 11.28 -3.32 -9.97
C PHE A 92 10.70 -4.71 -9.69
N SER A 93 10.11 -5.37 -10.70
CA SER A 93 9.50 -6.67 -10.45
C SER A 93 10.55 -7.71 -10.07
N PHE A 94 11.72 -7.62 -10.68
CA PHE A 94 12.84 -8.51 -10.36
C PHE A 94 13.28 -8.33 -8.90
N GLY A 95 13.51 -7.09 -8.49
CA GLY A 95 13.85 -6.85 -7.10
C GLY A 95 12.79 -7.36 -6.15
N GLY A 96 11.52 -7.06 -6.46
CA GLY A 96 10.43 -7.58 -5.66
C GLY A 96 10.43 -9.09 -5.57
N ALA A 97 10.73 -9.78 -6.68
CA ALA A 97 10.78 -11.24 -6.66
C ALA A 97 11.96 -11.75 -5.84
N LEU A 98 13.11 -11.08 -5.91
CA LEU A 98 14.23 -11.45 -5.05
C LEU A 98 13.84 -11.35 -3.58
N CYS A 99 13.13 -10.28 -3.22
CA CYS A 99 12.74 -10.09 -1.83
C CYS A 99 11.78 -11.18 -1.37
N VAL A 100 10.78 -11.49 -2.18
CA VAL A 100 9.83 -12.55 -1.84
C VAL A 100 10.57 -13.88 -1.68
N GLU A 101 11.46 -14.20 -2.61
CA GLU A 101 12.18 -15.46 -2.49
C GLU A 101 13.06 -15.46 -1.24
N SER A 102 13.70 -14.33 -0.95
CA SER A 102 14.54 -14.23 0.23
C SER A 102 13.76 -14.50 1.50
N VAL A 103 12.58 -13.89 1.66
CA VAL A 103 11.80 -14.14 2.87
C VAL A 103 11.31 -15.58 2.89
N ASP A 104 10.76 -16.04 1.77
CA ASP A 104 10.24 -17.39 1.69
C ASP A 104 11.29 -18.43 2.10
N LYS A 105 12.57 -18.20 1.80
CA LYS A 105 13.63 -19.15 2.13
C LYS A 105 14.38 -18.78 3.41
N GLU A 106 13.84 -17.86 4.22
CA GLU A 106 14.38 -17.53 5.53
C GLU A 106 15.74 -16.84 5.41
N MET A 107 15.84 -15.92 4.47
CA MET A 107 16.98 -15.03 4.38
C MET A 107 16.48 -13.59 4.42
N GLN A 108 15.71 -13.25 5.46
CA GLN A 108 15.05 -11.94 5.54
C GLN A 108 16.06 -10.81 5.58
N VAL A 109 17.30 -11.08 5.99
CA VAL A 109 18.32 -10.05 6.04
C VAL A 109 18.56 -9.44 4.67
N LEU A 110 18.25 -10.17 3.59
CA LEU A 110 18.57 -9.67 2.27
C LEU A 110 17.63 -8.56 1.80
N VAL A 111 16.43 -8.45 2.39
CA VAL A 111 15.42 -7.53 1.88
C VAL A 111 15.95 -6.10 1.88
N SER A 112 16.52 -5.69 3.01
CA SER A 112 17.04 -4.33 3.10
C SER A 112 18.27 -4.16 2.23
N ARG A 113 19.08 -5.22 2.08
CA ARG A 113 20.22 -5.13 1.16
C ARG A 113 19.75 -4.95 -0.28
N ILE A 114 18.79 -5.77 -0.72
CA ILE A 114 18.27 -5.63 -2.08
C ILE A 114 17.66 -4.25 -2.28
N ALA A 115 16.99 -3.74 -1.24
CA ALA A 115 16.40 -2.41 -1.32
C ALA A 115 17.47 -1.37 -1.59
N ALA A 116 18.63 -1.48 -0.93
CA ALA A 116 19.74 -0.56 -1.17
C ALA A 116 20.27 -0.72 -2.59
N TRP A 117 20.43 -1.96 -3.05
CA TRP A 117 20.93 -2.18 -4.40
C TRP A 117 20.00 -1.56 -5.42
N MET A 118 18.69 -1.64 -5.19
CA MET A 118 17.75 -1.05 -6.14
C MET A 118 17.82 0.46 -6.12
N ALA A 119 17.77 1.05 -4.92
CA ALA A 119 17.84 2.51 -4.81
C ALA A 119 19.16 3.03 -5.38
N THR A 120 20.25 2.30 -5.13
CA THR A 120 21.54 2.74 -5.65
C THR A 120 21.56 2.67 -7.16
N TYR A 121 21.11 1.55 -7.76
CA TYR A 121 21.08 1.48 -9.22
C TYR A 121 20.14 2.53 -9.80
N LEU A 122 19.01 2.77 -9.14
CA LEU A 122 18.06 3.75 -9.63
C LEU A 122 18.66 5.13 -9.61
N ASN A 123 19.29 5.50 -8.48
CA ASN A 123 19.78 6.87 -8.32
C ASN A 123 21.04 7.15 -9.12
N ASP A 124 21.90 6.14 -9.35
CA ASP A 124 23.13 6.37 -10.10
C ASP A 124 23.02 6.08 -11.58
N HIS A 125 22.16 5.17 -12.01
CA HIS A 125 22.19 4.73 -13.40
C HIS A 125 20.88 4.87 -14.16
N LEU A 126 19.74 4.95 -13.48
CA LEU A 126 18.47 5.19 -14.17
C LEU A 126 17.99 6.62 -14.07
N GLU A 127 18.30 7.29 -12.97
CA GLU A 127 17.83 8.65 -12.76
C GLU A 127 18.21 9.62 -13.89
N PRO A 128 19.42 9.59 -14.46
CA PRO A 128 19.67 10.44 -15.64
C PRO A 128 18.70 10.19 -16.78
N TRP A 129 18.47 8.91 -17.14
CA TRP A 129 17.53 8.62 -18.22
C TRP A 129 16.13 9.09 -17.87
N ILE A 130 15.73 8.93 -16.61
CA ILE A 130 14.38 9.31 -16.21
C ILE A 130 14.16 10.80 -16.42
N GLN A 131 15.16 11.62 -16.08
CA GLN A 131 15.05 13.06 -16.28
C GLN A 131 14.99 13.43 -17.76
N GLU A 132 15.82 12.80 -18.60
CA GLU A 132 15.76 13.09 -20.02
C GLU A 132 14.49 12.59 -20.70
N ASN A 133 13.63 11.85 -20.01
CA ASN A 133 12.48 11.26 -20.66
C ASN A 133 11.19 11.65 -19.95
N GLY A 134 11.13 12.85 -19.40
CA GLY A 134 9.90 13.36 -18.84
C GLY A 134 9.66 13.06 -17.37
N GLY A 135 10.63 12.43 -16.68
CA GLY A 135 10.46 12.16 -15.26
C GLY A 135 9.37 11.13 -14.97
N TRP A 136 9.15 10.88 -13.68
CA TRP A 136 8.17 9.91 -13.25
C TRP A 136 6.73 10.32 -13.56
N ASP A 137 6.47 11.62 -13.77
CA ASP A 137 5.13 12.04 -14.19
C ASP A 137 4.80 11.52 -15.59
N THR A 138 5.80 11.45 -16.48
CA THR A 138 5.56 10.86 -17.79
C THR A 138 5.28 9.37 -17.69
N PHE A 139 5.95 8.68 -16.75
CA PHE A 139 5.61 7.29 -16.50
C PHE A 139 4.13 7.16 -16.11
N VAL A 140 3.66 8.07 -15.25
CA VAL A 140 2.25 8.03 -14.83
C VAL A 140 1.32 8.28 -16.02
N GLU A 141 1.69 9.21 -16.90
CA GLU A 141 0.91 9.47 -18.10
C GLU A 141 0.78 8.20 -18.96
N LEU A 142 1.84 7.42 -19.05
CA LEU A 142 1.88 6.26 -19.92
C LEU A 142 1.36 4.99 -19.27
N TYR A 143 1.47 4.85 -17.94
CA TYR A 143 1.14 3.60 -17.30
C TYR A 143 0.07 3.71 -16.22
N GLY A 144 -0.30 4.93 -15.83
CA GLY A 144 -1.41 5.08 -14.92
C GLY A 144 -2.72 4.70 -15.58
N ASN A 145 -3.66 4.26 -14.77
CA ASN A 145 -5.02 4.03 -15.24
C ASN A 145 -5.96 5.17 -14.89
N ASN A 146 -5.87 5.68 -13.66
CA ASN A 146 -6.54 6.93 -13.25
C ASN A 146 -5.99 7.38 -11.90
N PRO B 1 14.52 20.89 -5.07
CA PRO B 1 15.41 21.07 -3.93
C PRO B 1 16.43 19.94 -3.79
N LEU B 2 17.66 20.28 -3.39
CA LEU B 2 18.76 19.35 -3.19
C LEU B 2 18.31 18.05 -2.54
N GLY B 3 18.56 16.92 -3.21
CA GLY B 3 18.32 15.63 -2.61
C GLY B 3 16.91 15.09 -2.76
N SER B 4 15.98 15.86 -3.35
CA SER B 4 14.60 15.39 -3.40
C SER B 4 14.43 14.23 -4.37
N MET B 5 15.12 14.27 -5.53
CA MET B 5 15.03 13.17 -6.49
C MET B 5 15.51 11.85 -5.89
N SER B 6 16.67 11.90 -5.22
CA SER B 6 17.22 10.68 -4.61
C SER B 6 16.27 10.11 -3.58
N GLN B 7 15.73 10.98 -2.73
CA GLN B 7 14.86 10.53 -1.64
C GLN B 7 13.58 9.92 -2.19
N SER B 8 13.05 10.51 -3.25
CA SER B 8 11.81 10.01 -3.85
C SER B 8 12.02 8.63 -4.46
N ASN B 9 13.15 8.42 -5.13
CA ASN B 9 13.46 7.09 -5.66
C ASN B 9 13.53 6.05 -4.54
N ARG B 10 14.16 6.39 -3.40
CA ARG B 10 14.21 5.45 -2.27
C ARG B 10 12.81 5.11 -1.77
N GLU B 11 11.90 6.10 -1.80
CA GLU B 11 10.53 5.82 -1.34
C GLU B 11 9.78 4.93 -2.32
N LEU B 12 10.00 5.09 -3.63
CA LEU B 12 9.43 4.17 -4.61
C LEU B 12 9.89 2.73 -4.34
N VAL B 13 11.20 2.55 -4.14
CA VAL B 13 11.73 1.23 -3.83
C VAL B 13 11.05 0.65 -2.59
N VAL B 14 11.06 1.41 -1.48
CA VAL B 14 10.43 0.90 -0.26
C VAL B 14 8.97 0.58 -0.51
N ASP B 15 8.27 1.46 -1.24
CA ASP B 15 6.84 1.22 -1.45
C ASP B 15 6.61 0.00 -2.32
N PHE B 16 7.43 -0.19 -3.37
CA PHE B 16 7.18 -1.33 -4.26
C PHE B 16 7.42 -2.65 -3.52
N LEU B 17 8.50 -2.74 -2.76
CA LEU B 17 8.83 -4.01 -2.11
C LEU B 17 7.82 -4.35 -1.03
N SER B 18 7.40 -3.35 -0.24
CA SER B 18 6.39 -3.57 0.80
C SER B 18 5.09 -4.05 0.18
N TYR B 19 4.75 -3.46 -0.95
CA TYR B 19 3.53 -3.88 -1.65
C TYR B 19 3.61 -5.34 -2.05
N LYS B 20 4.75 -5.75 -2.63
CA LYS B 20 4.87 -7.13 -3.11
C LYS B 20 4.96 -8.12 -1.95
N LEU B 21 5.69 -7.77 -0.90
CA LEU B 21 5.79 -8.67 0.24
C LEU B 21 4.42 -8.90 0.85
N SER B 22 3.70 -7.83 1.16
CA SER B 22 2.38 -8.00 1.77
C SER B 22 1.39 -8.60 0.78
N GLN B 23 1.62 -8.41 -0.51
CA GLN B 23 0.72 -8.99 -1.52
C GLN B 23 0.77 -10.51 -1.51
N LYS B 24 1.94 -11.08 -1.26
CA LYS B 24 2.11 -12.52 -1.30
C LYS B 24 1.88 -13.17 0.05
N GLY B 25 1.65 -12.38 1.09
CA GLY B 25 1.29 -12.89 2.40
C GLY B 25 2.26 -12.57 3.50
N TYR B 26 3.44 -12.05 3.20
CA TYR B 26 4.52 -11.97 4.18
C TYR B 26 4.37 -10.72 5.03
N SER B 27 4.28 -10.89 6.34
CA SER B 27 4.26 -9.80 7.31
C SER B 27 5.59 -9.81 8.04
N TRP B 28 6.42 -8.81 7.76
CA TRP B 28 7.82 -8.81 8.20
C TRP B 28 8.06 -8.02 9.49
N SER B 29 7.01 -7.44 10.08
CA SER B 29 7.13 -6.62 11.28
C SER B 29 5.79 -6.66 12.02
N GLN B 30 5.70 -5.89 13.10
CA GLN B 30 4.48 -5.96 13.89
C GLN B 30 3.36 -5.10 13.30
N MET B 31 3.61 -3.80 13.11
CA MET B 31 2.58 -2.95 12.52
C MET B 31 2.24 -3.39 11.11
N ALA B 32 3.15 -4.14 10.46
CA ALA B 32 2.82 -4.75 9.17
C ALA B 32 1.69 -5.76 9.31
N ALA B 33 1.67 -6.54 10.40
CA ALA B 33 0.57 -7.47 10.63
C ALA B 33 -0.71 -6.72 10.99
N VAL B 34 -0.61 -5.61 11.73
CA VAL B 34 -1.79 -4.83 12.08
C VAL B 34 -2.37 -4.16 10.84
N LYS B 35 -1.52 -3.51 10.05
CA LYS B 35 -1.98 -2.82 8.84
C LYS B 35 -2.67 -3.78 7.90
N GLN B 36 -2.04 -4.93 7.65
CA GLN B 36 -2.59 -5.89 6.72
C GLN B 36 -3.93 -6.43 7.23
N ALA B 37 -4.02 -6.72 8.53
CA ALA B 37 -5.28 -7.20 9.09
C ALA B 37 -6.35 -6.10 9.10
N LEU B 38 -5.93 -4.85 9.24
CA LEU B 38 -6.88 -3.75 9.23
C LEU B 38 -7.40 -3.47 7.84
N ARG B 39 -6.50 -3.47 6.84
CA ARG B 39 -6.92 -3.34 5.45
C ARG B 39 -7.92 -4.44 5.07
N GLU B 40 -7.62 -5.69 5.45
CA GLU B 40 -8.53 -6.78 5.13
C GLU B 40 -9.87 -6.64 5.85
N ALA B 41 -9.84 -6.29 7.14
CA ALA B 41 -11.09 -6.16 7.89
C ALA B 41 -11.93 -4.99 7.38
N GLY B 42 -11.27 -3.89 7.00
CA GLY B 42 -11.98 -2.78 6.38
C GLY B 42 -12.68 -3.19 5.09
N ASP B 43 -12.02 -3.99 4.26
CA ASP B 43 -12.66 -4.45 3.01
C ASP B 43 -13.86 -5.32 3.32
N GLU B 44 -13.77 -6.16 4.34
CA GLU B 44 -14.89 -7.02 4.70
C GLU B 44 -16.02 -6.22 5.33
N PHE B 45 -15.69 -5.25 6.20
CA PHE B 45 -16.71 -4.37 6.76
C PHE B 45 -17.47 -3.65 5.65
N GLU B 46 -16.74 -3.11 4.67
CA GLU B 46 -17.38 -2.37 3.59
C GLU B 46 -18.28 -3.28 2.75
N LEU B 47 -17.84 -4.51 2.52
CA LEU B 47 -18.65 -5.47 1.77
C LEU B 47 -19.97 -5.77 2.50
N ARG B 48 -19.88 -6.04 3.81
CA ARG B 48 -21.09 -6.29 4.57
C ARG B 48 -21.96 -5.04 4.69
N TYR B 49 -21.33 -3.86 4.84
CA TYR B 49 -22.12 -2.63 4.92
C TYR B 49 -22.91 -2.39 3.63
N ARG B 50 -22.24 -2.50 2.48
CA ARG B 50 -22.89 -2.25 1.20
C ARG B 50 -24.01 -3.25 0.91
N ARG B 51 -23.86 -4.50 1.36
CA ARG B 51 -24.91 -5.47 1.10
C ARG B 51 -26.19 -5.10 1.85
N ALA B 52 -26.07 -4.50 3.04
CA ALA B 52 -27.25 -4.17 3.81
C ALA B 52 -27.80 -2.78 3.48
N PHE B 53 -26.94 -1.80 3.29
CA PHE B 53 -27.37 -0.42 3.05
C PHE B 53 -26.82 0.09 1.71
N SER B 54 -27.02 1.37 1.47
CA SER B 54 -26.29 2.03 0.39
C SER B 54 -24.88 2.32 0.86
N ASP B 55 -24.00 2.62 -0.10
CA ASP B 55 -22.59 2.76 0.21
C ASP B 55 -22.35 3.86 1.25
N LEU B 56 -21.22 3.73 1.95
CA LEU B 56 -20.89 4.61 3.05
C LEU B 56 -20.75 6.05 2.57
N THR B 57 -21.25 6.98 3.39
CA THR B 57 -21.19 8.44 3.27
C THR B 57 -22.11 9.03 2.19
N SER B 58 -22.65 8.20 1.29
CA SER B 58 -23.81 8.61 0.53
C SER B 58 -24.88 9.09 1.51
N GLN B 59 -25.46 10.26 1.23
CA GLN B 59 -26.42 11.02 2.05
C GLN B 59 -25.73 11.82 3.13
N LEU B 60 -24.40 11.72 3.27
CA LEU B 60 -23.63 12.64 4.11
C LEU B 60 -23.13 13.79 3.23
N HIS B 61 -23.55 15.00 3.56
CA HIS B 61 -23.15 16.20 2.81
C HIS B 61 -21.96 16.83 3.51
N ILE B 62 -20.77 16.58 3.00
CA ILE B 62 -19.56 17.15 3.57
C ILE B 62 -19.10 18.34 2.72
N THR B 63 -18.65 19.39 3.40
CA THR B 63 -17.87 20.48 2.87
C THR B 63 -16.70 20.71 3.80
N PRO B 64 -15.63 21.36 3.33
CA PRO B 64 -14.49 21.57 4.23
C PRO B 64 -14.84 22.30 5.52
N GLY B 65 -15.74 23.28 5.46
CA GLY B 65 -16.07 24.05 6.64
C GLY B 65 -16.95 23.33 7.65
N THR B 66 -17.67 22.29 7.21
CA THR B 66 -18.58 21.56 8.08
C THR B 66 -18.10 20.14 8.41
N ALA B 67 -17.05 19.66 7.73
CA ALA B 67 -16.68 18.25 7.83
C ALA B 67 -16.33 17.85 9.26
N TYR B 68 -15.57 18.69 9.99
CA TYR B 68 -15.16 18.29 11.34
C TYR B 68 -16.38 17.98 12.21
N GLN B 69 -17.39 18.84 12.16
CA GLN B 69 -18.55 18.68 13.04
C GLN B 69 -19.30 17.39 12.74
N SER B 70 -19.41 17.02 11.47
CA SER B 70 -20.02 15.75 11.11
C SER B 70 -19.17 14.57 11.59
N PHE B 71 -17.86 14.64 11.36
CA PHE B 71 -16.97 13.58 11.84
C PHE B 71 -17.11 13.40 13.34
N GLU B 72 -17.08 14.53 14.07
CA GLU B 72 -17.15 14.48 15.53
C GLU B 72 -18.47 13.88 16.00
N GLN B 73 -19.56 14.18 15.31
CA GLN B 73 -20.86 13.68 15.77
C GLN B 73 -20.99 12.18 15.52
N VAL B 74 -20.54 11.71 14.35
CA VAL B 74 -20.65 10.30 14.04
C VAL B 74 -19.78 9.47 14.98
N VAL B 75 -18.56 9.92 15.21
CA VAL B 75 -17.62 9.10 15.99
C VAL B 75 -18.03 9.05 17.46
N ASN B 76 -18.48 10.19 18.00
CA ASN B 76 -18.94 10.19 19.38
C ASN B 76 -20.10 9.24 19.60
N GLU B 77 -21.06 9.21 18.66
CA GLU B 77 -22.18 8.30 18.82
C GLU B 77 -21.77 6.84 18.58
N LEU B 78 -20.80 6.61 17.69
CA LEU B 78 -20.35 5.24 17.44
C LEU B 78 -19.79 4.60 18.71
N PHE B 79 -19.12 5.38 19.56
CA PHE B 79 -18.45 4.85 20.74
C PHE B 79 -19.10 5.27 22.05
N ARG B 80 -20.23 6.00 21.99
CA ARG B 80 -20.96 6.46 23.15
C ARG B 80 -21.12 5.39 24.23
N ASP B 81 -21.71 4.25 23.87
CA ASP B 81 -22.01 3.20 24.84
C ASP B 81 -21.00 2.06 24.83
N GLY B 82 -19.83 2.25 24.24
CA GLY B 82 -18.80 1.25 24.39
C GLY B 82 -17.87 1.19 23.20
N VAL B 83 -16.80 0.43 23.38
CA VAL B 83 -15.77 0.21 22.37
C VAL B 83 -15.60 -1.29 22.18
N ASN B 84 -15.40 -1.72 20.95
CA ASN B 84 -14.96 -3.08 20.69
C ASN B 84 -14.27 -3.08 19.34
N TRP B 85 -13.58 -4.18 19.03
CA TRP B 85 -12.78 -4.17 17.82
C TRP B 85 -13.65 -3.97 16.58
N GLY B 86 -14.86 -4.51 16.58
CA GLY B 86 -15.75 -4.30 15.45
C GLY B 86 -16.07 -2.82 15.22
N ARG B 87 -16.31 -2.09 16.31
CA ARG B 87 -16.60 -0.65 16.18
C ARG B 87 -15.35 0.13 15.78
N ILE B 88 -14.17 -0.35 16.17
CA ILE B 88 -12.94 0.32 15.75
C ILE B 88 -12.75 0.16 14.24
N VAL B 89 -13.03 -1.04 13.72
CA VAL B 89 -13.01 -1.23 12.26
C VAL B 89 -14.00 -0.29 11.59
N ALA B 90 -15.21 -0.16 12.16
CA ALA B 90 -16.20 0.78 11.62
C ALA B 90 -15.65 2.19 11.61
N PHE B 91 -14.98 2.59 12.68
CA PHE B 91 -14.35 3.90 12.76
C PHE B 91 -13.38 4.13 11.61
N PHE B 92 -12.50 3.15 11.35
CA PHE B 92 -11.58 3.26 10.22
C PHE B 92 -12.33 3.29 8.88
N SER B 93 -13.30 2.40 8.69
CA SER B 93 -14.03 2.38 7.43
C SER B 93 -14.74 3.70 7.17
N PHE B 94 -15.30 4.30 8.22
CA PHE B 94 -15.97 5.58 8.08
C PHE B 94 -15.02 6.66 7.58
N GLY B 95 -13.84 6.75 8.20
CA GLY B 95 -12.85 7.74 7.77
C GLY B 95 -12.39 7.50 6.34
N GLY B 96 -12.11 6.23 6.00
CA GLY B 96 -11.81 5.90 4.61
C GLY B 96 -12.88 6.39 3.65
N ALA B 97 -14.14 6.12 3.97
CA ALA B 97 -15.22 6.52 3.07
C ALA B 97 -15.33 8.04 2.99
N LEU B 98 -15.16 8.72 4.13
CA LEU B 98 -15.10 10.18 4.16
C LEU B 98 -14.03 10.72 3.21
N CYS B 99 -12.85 10.09 3.20
CA CYS B 99 -11.79 10.56 2.32
C CYS B 99 -12.13 10.32 0.86
N VAL B 100 -12.75 9.17 0.56
CA VAL B 100 -13.10 8.85 -0.82
C VAL B 100 -14.12 9.85 -1.37
N GLU B 101 -15.19 10.10 -0.60
CA GLU B 101 -16.17 11.12 -0.99
C GLU B 101 -15.50 12.46 -1.18
N SER B 102 -14.55 12.82 -0.30
CA SER B 102 -13.89 14.12 -0.39
C SER B 102 -13.11 14.27 -1.69
N VAL B 103 -12.30 13.28 -2.05
CA VAL B 103 -11.57 13.37 -3.31
C VAL B 103 -12.55 13.32 -4.49
N ASP B 104 -13.58 12.49 -4.39
CA ASP B 104 -14.51 12.34 -5.50
C ASP B 104 -15.22 13.65 -5.80
N LYS B 105 -15.63 14.37 -4.76
CA LYS B 105 -16.30 15.65 -4.92
C LYS B 105 -15.34 16.84 -4.88
N GLU B 106 -14.05 16.59 -5.13
CA GLU B 106 -13.05 17.64 -5.38
C GLU B 106 -12.87 18.53 -4.16
N MET B 107 -12.77 17.90 -2.99
CA MET B 107 -12.40 18.55 -1.74
C MET B 107 -11.18 17.82 -1.18
N GLN B 108 -10.13 17.66 -2.00
CA GLN B 108 -8.96 16.92 -1.58
C GLN B 108 -8.29 17.50 -0.34
N VAL B 109 -8.53 18.79 -0.05
CA VAL B 109 -7.93 19.38 1.14
C VAL B 109 -8.37 18.66 2.41
N LEU B 110 -9.52 17.99 2.39
CA LEU B 110 -10.02 17.34 3.60
C LEU B 110 -9.24 16.08 3.98
N VAL B 111 -8.56 15.44 3.04
CA VAL B 111 -7.98 14.12 3.29
C VAL B 111 -7.00 14.16 4.48
N SER B 112 -5.99 15.03 4.42
CA SER B 112 -5.02 15.03 5.51
C SER B 112 -5.62 15.57 6.81
N ARG B 113 -6.70 16.34 6.74
CA ARG B 113 -7.36 16.75 7.98
C ARG B 113 -8.09 15.58 8.62
N ILE B 114 -8.83 14.80 7.82
CA ILE B 114 -9.55 13.62 8.34
C ILE B 114 -8.57 12.66 9.01
N ALA B 115 -7.39 12.49 8.42
CA ALA B 115 -6.36 11.64 9.01
C ALA B 115 -5.94 12.14 10.39
N ALA B 116 -5.78 13.46 10.54
CA ALA B 116 -5.42 14.05 11.82
C ALA B 116 -6.53 13.87 12.85
N TRP B 117 -7.79 14.08 12.44
CA TRP B 117 -8.92 13.88 13.34
C TRP B 117 -9.01 12.42 13.80
N MET B 118 -8.76 11.48 12.89
CA MET B 118 -8.82 10.08 13.27
C MET B 118 -7.71 9.71 14.24
N ALA B 119 -6.49 10.17 13.95
CA ALA B 119 -5.34 9.85 14.80
C ALA B 119 -5.51 10.43 16.19
N THR B 120 -5.97 11.69 16.28
CA THR B 120 -6.30 12.32 17.55
C THR B 120 -7.31 11.49 18.35
N TYR B 121 -8.47 11.19 17.73
CA TYR B 121 -9.46 10.36 18.42
C TYR B 121 -8.90 9.00 18.77
N LEU B 122 -8.12 8.39 17.87
CA LEU B 122 -7.54 7.08 18.16
C LEU B 122 -6.65 7.15 19.41
N ASN B 123 -5.73 8.13 19.45
CA ASN B 123 -4.77 8.24 20.55
C ASN B 123 -5.43 8.72 21.83
N ASP B 124 -6.42 9.61 21.74
CA ASP B 124 -7.01 10.17 22.95
C ASP B 124 -8.05 9.23 23.55
N HIS B 125 -8.88 8.59 22.72
CA HIS B 125 -10.09 7.93 23.21
C HIS B 125 -10.21 6.46 22.89
N LEU B 126 -9.32 5.88 22.08
CA LEU B 126 -9.38 4.47 21.80
C LEU B 126 -8.17 3.71 22.30
N GLU B 127 -6.99 4.34 22.33
CA GLU B 127 -5.79 3.67 22.81
C GLU B 127 -5.91 3.19 24.25
N PRO B 128 -6.53 3.93 25.19
CA PRO B 128 -6.71 3.35 26.53
C PRO B 128 -7.53 2.07 26.51
N TRP B 129 -8.63 2.00 25.75
CA TRP B 129 -9.36 0.75 25.65
C TRP B 129 -8.51 -0.33 25.00
N ILE B 130 -7.77 0.03 23.94
CA ILE B 130 -6.93 -0.95 23.26
C ILE B 130 -5.92 -1.56 24.22
N GLN B 131 -5.26 -0.71 25.03
CA GLN B 131 -4.23 -1.23 25.93
C GLN B 131 -4.83 -2.18 26.96
N GLU B 132 -6.03 -1.85 27.47
CA GLU B 132 -6.73 -2.63 28.47
C GLU B 132 -7.41 -3.89 27.89
N ASN B 133 -7.26 -4.17 26.59
CA ASN B 133 -7.90 -5.32 25.98
C ASN B 133 -6.93 -6.10 25.10
N GLY B 134 -5.65 -6.02 25.40
CA GLY B 134 -4.67 -6.87 24.77
C GLY B 134 -3.85 -6.22 23.70
N GLY B 135 -4.09 -4.95 23.40
CA GLY B 135 -3.32 -4.27 22.39
C GLY B 135 -3.62 -4.78 20.99
N TRP B 136 -2.87 -4.22 20.06
CA TRP B 136 -3.11 -4.52 18.66
C TRP B 136 -2.80 -5.97 18.31
N ASP B 137 -2.01 -6.66 19.17
CA ASP B 137 -1.77 -8.09 18.98
C ASP B 137 -3.08 -8.85 19.01
N THR B 138 -3.94 -8.55 19.97
CA THR B 138 -5.22 -9.22 20.04
C THR B 138 -6.05 -8.95 18.78
N PHE B 139 -6.02 -7.73 18.26
CA PHE B 139 -6.73 -7.46 17.00
C PHE B 139 -6.21 -8.37 15.89
N VAL B 140 -4.88 -8.48 15.75
CA VAL B 140 -4.30 -9.34 14.73
C VAL B 140 -4.73 -10.79 14.93
N GLU B 141 -4.85 -11.23 16.18
CA GLU B 141 -5.29 -12.59 16.42
C GLU B 141 -6.72 -12.78 15.92
N LEU B 142 -7.55 -11.75 16.04
CA LEU B 142 -8.97 -11.86 15.76
C LEU B 142 -9.32 -11.62 14.30
N TYR B 143 -8.56 -10.78 13.59
CA TYR B 143 -8.90 -10.39 12.23
C TYR B 143 -7.81 -10.70 11.21
N GLY B 144 -6.67 -11.23 11.64
CA GLY B 144 -5.59 -11.52 10.72
C GLY B 144 -5.86 -12.78 9.90
N ASN B 145 -5.31 -12.79 8.68
CA ASN B 145 -5.52 -13.87 7.71
C ASN B 145 -7.01 -13.99 7.36
N ASN B 146 -7.69 -12.85 7.23
CA ASN B 146 -9.13 -12.80 6.96
C ASN B 146 -9.48 -11.95 5.73
N ASP C 4 21.92 -19.31 -16.71
CA ASP C 4 21.00 -19.17 -15.59
C ASP C 4 20.52 -17.73 -15.48
N MET C 5 21.45 -16.81 -15.19
CA MET C 5 21.11 -15.39 -15.12
C MET C 5 21.11 -14.73 -16.49
N GLU C 6 21.85 -15.26 -17.46
CA GLU C 6 21.69 -14.79 -18.83
C GLU C 6 20.28 -15.07 -19.33
N ASN C 7 19.72 -16.22 -18.92
CA ASN C 7 18.38 -16.58 -19.35
C ASN C 7 17.32 -15.68 -18.72
N LEU C 8 17.43 -15.45 -17.41
CA LEU C 8 16.44 -14.63 -16.71
C LEU C 8 16.39 -13.22 -17.29
N SER C 9 17.54 -12.57 -17.44
CA SER C 9 17.52 -11.19 -17.88
C SER C 9 17.01 -11.07 -19.32
N ARG C 10 17.15 -12.13 -20.12
CA ARG C 10 16.55 -12.11 -21.45
C ARG C 10 15.03 -12.14 -21.34
N ARG C 11 14.49 -12.96 -20.43
CA ARG C 11 13.05 -12.95 -20.24
C ARG C 11 12.56 -11.63 -19.66
N LEU C 12 13.32 -11.03 -18.75
CA LEU C 12 12.92 -9.73 -18.23
C LEU C 12 12.93 -8.66 -19.32
N LYS C 13 13.97 -8.67 -20.16
CA LYS C 13 14.11 -7.65 -21.18
C LYS C 13 13.00 -7.75 -22.23
N VAL C 14 12.72 -8.95 -22.71
CA VAL C 14 11.72 -9.08 -23.78
C VAL C 14 10.32 -8.82 -23.23
N THR C 15 10.07 -9.16 -21.97
CA THR C 15 8.80 -8.81 -21.35
C THR C 15 8.72 -7.32 -21.08
N GLY C 16 9.84 -6.71 -20.68
CA GLY C 16 9.86 -5.27 -20.49
C GLY C 16 9.54 -4.52 -21.77
N ASP C 17 10.18 -4.92 -22.88
CA ASP C 17 9.99 -4.24 -24.15
C ASP C 17 8.57 -4.42 -24.69
N LEU C 18 8.00 -5.62 -24.57
CA LEU C 18 6.61 -5.80 -25.01
C LEU C 18 5.66 -4.91 -24.21
N PHE C 19 5.88 -4.81 -22.90
CA PHE C 19 5.05 -3.94 -22.07
C PHE C 19 5.22 -2.47 -22.47
N ASP C 20 6.46 -2.06 -22.76
CA ASP C 20 6.73 -0.70 -23.22
C ASP C 20 5.98 -0.40 -24.52
N ILE C 21 6.04 -1.32 -25.49
CA ILE C 21 5.37 -1.10 -26.76
C ILE C 21 3.88 -0.95 -26.58
N MET C 22 3.30 -1.69 -25.64
CA MET C 22 1.85 -1.61 -25.50
C MET C 22 1.39 -0.36 -24.76
N SER C 23 2.30 0.38 -24.12
CA SER C 23 1.92 1.62 -23.44
C SER C 23 2.45 2.86 -24.16
N ASP D 4 -29.57 12.83 10.03
CA ASP D 4 -28.98 12.07 8.92
C ASP D 4 -27.61 11.51 9.32
N MET D 5 -26.83 12.30 10.06
CA MET D 5 -25.64 11.75 10.71
C MET D 5 -26.01 10.86 11.89
N GLU D 6 -27.20 11.05 12.46
CA GLU D 6 -27.68 10.11 13.46
C GLU D 6 -27.84 8.72 12.87
N ASN D 7 -28.49 8.63 11.71
CA ASN D 7 -28.72 7.33 11.09
C ASN D 7 -27.41 6.66 10.69
N LEU D 8 -26.42 7.45 10.26
CA LEU D 8 -25.18 6.86 9.78
C LEU D 8 -24.45 6.12 10.90
N SER D 9 -24.33 6.75 12.08
CA SER D 9 -23.56 6.12 13.13
C SER D 9 -24.26 4.88 13.68
N ARG D 10 -25.59 4.81 13.54
CA ARG D 10 -26.29 3.59 13.94
C ARG D 10 -26.00 2.46 12.96
N ARG D 11 -25.97 2.75 11.65
CA ARG D 11 -25.60 1.72 10.69
C ARG D 11 -24.18 1.24 10.93
N LEU D 12 -23.28 2.17 11.29
CA LEU D 12 -21.90 1.79 11.56
C LEU D 12 -21.81 0.94 12.82
N LYS D 13 -22.54 1.35 13.86
CA LYS D 13 -22.45 0.66 15.14
C LYS D 13 -23.00 -0.77 15.04
N VAL D 14 -24.15 -0.94 14.40
CA VAL D 14 -24.74 -2.27 14.31
C VAL D 14 -23.91 -3.19 13.42
N THR D 15 -23.28 -2.63 12.38
CA THR D 15 -22.40 -3.41 11.52
C THR D 15 -21.10 -3.75 12.23
N GLY D 16 -20.56 -2.80 12.99
CA GLY D 16 -19.41 -3.08 13.83
C GLY D 16 -19.69 -4.19 14.84
N ASP D 17 -20.85 -4.17 15.48
CA ASP D 17 -21.16 -5.17 16.50
C ASP D 17 -21.33 -6.55 15.88
N LEU D 18 -21.99 -6.63 14.72
CA LEU D 18 -22.08 -7.91 14.01
C LEU D 18 -20.71 -8.48 13.72
N PHE D 19 -19.80 -7.62 13.24
CA PHE D 19 -18.42 -8.00 13.01
C PHE D 19 -17.76 -8.51 14.29
N ASP D 20 -17.90 -7.76 15.39
CA ASP D 20 -17.28 -8.13 16.66
C ASP D 20 -17.74 -9.52 17.11
N ILE D 21 -19.04 -9.81 16.97
CA ILE D 21 -19.57 -11.12 17.35
C ILE D 21 -18.95 -12.21 16.49
N MET D 22 -19.01 -12.04 15.17
CA MET D 22 -18.55 -13.09 14.27
C MET D 22 -17.03 -13.29 14.33
N SER D 23 -16.28 -12.33 14.87
CA SER D 23 -14.86 -12.53 15.10
C SER D 23 -14.57 -13.39 16.32
N GLY D 24 -15.60 -13.88 17.02
CA GLY D 24 -15.40 -14.73 18.19
C GLY D 24 -16.21 -16.01 18.16
CL CL E . 2.77 8.89 -0.86
CL CL F . -1.69 2.72 -0.37
CL CL G . 5.36 6.55 12.51
#